data_7BU5
#
_entry.id   7BU5
#
_cell.length_a   59.118
_cell.length_b   59.118
_cell.length_c   86.425
_cell.angle_alpha   90.000
_cell.angle_beta   90.000
_cell.angle_gamma   120.000
#
_symmetry.space_group_name_H-M   'P 32 1 2'
#
loop_
_entity.id
_entity.type
_entity.pdbx_description
1 polymer 'MUS81 endonuclease homolog (Yeast), isoform CRA_b'
2 polymer 'Structure-specific endonuclease subunit SLX4'
3 non-polymer GLYCINE
4 water water
#
loop_
_entity_poly.entity_id
_entity_poly.type
_entity_poly.pdbx_seq_one_letter_code
_entity_poly.pdbx_strand_id
1 'polypeptide(L)'
;AAPVRLGRKRPLPACPNPLFVRWLTEWRDEATRSRHRTRFVFQKALRSLRRYPLPLRSGKEAKILQHFGDGLCRMLDERL
QRHRTSGGDHAPDSPSGE
;
A
2 'polypeptide(L)' RKKNLPPKVPITPMPQYSIMETPVLKKELDRFGVRPLPKRQMVLKLKEIFQYTHQTLDSDS B
#
# COMPACT_ATOMS: atom_id res chain seq x y z
N PRO A 3 -1.45 -26.89 -3.43
CA PRO A 3 -0.11 -27.04 -4.02
C PRO A 3 0.74 -25.78 -3.81
N VAL A 4 2.05 -25.99 -3.65
CA VAL A 4 2.97 -24.89 -3.38
C VAL A 4 3.29 -24.19 -4.71
N ARG A 5 3.18 -22.86 -4.71
CA ARG A 5 3.57 -22.05 -5.85
C ARG A 5 4.99 -21.53 -5.63
N LEU A 6 5.81 -21.64 -6.66
CA LEU A 6 7.20 -21.19 -6.60
C LEU A 6 7.34 -19.93 -7.46
N GLY A 7 8.06 -18.94 -6.94
CA GLY A 7 8.24 -17.69 -7.65
C GLY A 7 9.70 -17.22 -7.64
N ARG A 8 10.02 -16.35 -8.60
CA ARG A 8 11.27 -15.61 -8.58
C ARG A 8 10.92 -14.12 -8.48
N LYS A 9 11.49 -13.43 -7.50
CA LYS A 9 11.20 -12.01 -7.32
C LYS A 9 11.43 -11.25 -8.64
N ARG A 10 10.51 -10.32 -8.94
CA ARG A 10 10.59 -9.50 -10.14
C ARG A 10 11.57 -8.36 -9.95
N PRO A 11 12.07 -7.76 -11.06
CA PRO A 11 12.86 -6.53 -11.00
C PRO A 11 12.33 -5.50 -10.01
N LEU A 12 13.27 -4.87 -9.29
CA LEU A 12 13.01 -3.70 -8.48
C LEU A 12 12.10 -2.78 -9.29
N PRO A 13 10.82 -2.61 -8.87
CA PRO A 13 9.86 -1.84 -9.65
C PRO A 13 9.85 -0.35 -9.30
N ALA A 14 9.54 0.48 -10.30
CA ALA A 14 9.31 1.88 -10.03
C ALA A 14 8.10 2.01 -9.11
N CYS A 15 7.97 3.19 -8.50
CA CYS A 15 6.80 3.57 -7.75
C CYS A 15 5.54 3.02 -8.41
N PRO A 16 4.74 2.19 -7.71
CA PRO A 16 3.43 1.82 -8.23
C PRO A 16 2.38 2.94 -8.09
N ASN A 17 2.69 4.00 -7.32
CA ASN A 17 1.70 5.01 -7.01
C ASN A 17 2.29 6.42 -7.10
N PRO A 18 2.83 6.82 -8.27
CA PRO A 18 3.54 8.10 -8.40
C PRO A 18 2.66 9.32 -8.12
N LEU A 19 1.38 9.26 -8.51
CA LEU A 19 0.50 10.40 -8.30
C LEU A 19 0.26 10.61 -6.80
N PHE A 20 -0.05 9.52 -6.08
CA PHE A 20 -0.34 9.63 -4.66
C PHE A 20 0.90 10.08 -3.90
N VAL A 21 2.06 9.55 -4.29
CA VAL A 21 3.33 9.96 -3.68
C VAL A 21 3.54 11.47 -3.91
N ARG A 22 3.32 11.93 -5.15
CA ARG A 22 3.53 13.34 -5.48
C ARG A 22 2.61 14.21 -4.62
N TRP A 23 1.32 13.87 -4.58
CA TRP A 23 0.32 14.68 -3.91
C TRP A 23 0.55 14.72 -2.39
N LEU A 24 0.85 13.56 -1.76
CA LEU A 24 1.14 13.53 -0.34
C LEU A 24 2.39 14.33 -0.03
N THR A 25 3.37 14.29 -0.94
CA THR A 25 4.61 15.04 -0.76
C THR A 25 4.33 16.54 -0.80
N GLU A 26 3.49 16.96 -1.76
CA GLU A 26 3.13 18.37 -1.90
C GLU A 26 2.43 18.85 -0.62
N TRP A 27 1.47 18.06 -0.13
CA TRP A 27 0.74 18.40 1.07
C TRP A 27 1.66 18.43 2.29
N ARG A 28 2.57 17.44 2.37
CA ARG A 28 3.53 17.39 3.46
C ARG A 28 4.37 18.65 3.49
N ASP A 29 4.92 19.03 2.33
CA ASP A 29 5.81 20.17 2.21
C ASP A 29 5.09 21.48 2.53
N GLU A 30 3.82 21.59 2.12
CA GLU A 30 3.01 22.77 2.37
C GLU A 30 2.78 22.93 3.86
N ALA A 31 2.45 21.80 4.52
CA ALA A 31 2.17 21.78 5.96
C ALA A 31 3.45 22.00 6.76
N THR A 32 4.59 21.50 6.27
CA THR A 32 5.86 21.69 6.97
C THR A 32 6.28 23.16 6.92
N ARG A 33 6.14 23.79 5.76
CA ARG A 33 6.54 25.18 5.55
C ARG A 33 5.75 26.10 6.48
N SER A 34 4.48 25.75 6.71
CA SER A 34 3.58 26.60 7.48
C SER A 34 3.52 26.16 8.94
N ARG A 35 4.24 25.08 9.28
CA ARG A 35 4.29 24.59 10.65
C ARG A 35 2.90 24.11 11.09
N HIS A 36 2.12 23.57 10.14
CA HIS A 36 0.75 23.18 10.42
C HIS A 36 0.71 21.83 11.15
N ARG A 37 -0.31 21.66 12.03
CA ARG A 37 -0.44 20.46 12.84
C ARG A 37 -0.58 19.20 11.98
N THR A 38 -1.06 19.35 10.73
CA THR A 38 -1.36 18.21 9.87
C THR A 38 -0.12 17.69 9.14
N ARG A 39 1.04 18.34 9.33
CA ARG A 39 2.25 17.85 8.68
C ARG A 39 2.50 16.37 8.95
N PHE A 40 2.19 15.91 10.18
CA PHE A 40 2.50 14.54 10.58
C PHE A 40 1.60 13.53 9.88
N VAL A 41 0.36 13.95 9.56
CA VAL A 41 -0.60 13.12 8.83
C VAL A 41 0.02 12.67 7.50
N PHE A 42 0.56 13.62 6.74
CA PHE A 42 1.11 13.34 5.42
C PHE A 42 2.40 12.53 5.53
N GLN A 43 3.21 12.84 6.55
CA GLN A 43 4.47 12.13 6.74
C GLN A 43 4.22 10.64 6.99
N LYS A 44 3.29 10.33 7.89
CA LYS A 44 2.98 8.96 8.27
C LYS A 44 2.35 8.20 7.11
N ALA A 45 1.48 8.87 6.33
CA ALA A 45 0.85 8.23 5.17
C ALA A 45 1.90 7.89 4.11
N LEU A 46 2.86 8.80 3.88
CA LEU A 46 3.92 8.55 2.92
C LEU A 46 4.74 7.33 3.31
N ARG A 47 4.96 7.16 4.62
CA ARG A 47 5.77 6.06 5.12
C ARG A 47 5.11 4.71 4.79
N SER A 48 3.80 4.60 5.03
CA SER A 48 3.12 3.35 4.76
C SER A 48 2.96 3.14 3.24
N LEU A 49 2.71 4.23 2.49
CA LEU A 49 2.50 4.12 1.05
C LEU A 49 3.76 3.58 0.38
N ARG A 50 4.93 4.01 0.85
CA ARG A 50 6.20 3.61 0.23
C ARG A 50 6.50 2.12 0.44
N ARG A 51 5.83 1.47 1.39
CA ARG A 51 6.02 0.04 1.65
C ARG A 51 5.10 -0.81 0.78
N TYR A 52 4.09 -0.18 0.16
CA TYR A 52 3.01 -0.90 -0.48
C TYR A 52 3.32 -1.11 -1.96
N PRO A 53 3.42 -2.37 -2.45
CA PRO A 53 3.89 -2.63 -3.81
C PRO A 53 2.84 -2.63 -4.93
N LEU A 54 1.56 -2.45 -4.60
CA LEU A 54 0.50 -2.56 -5.60
C LEU A 54 -0.01 -1.19 -5.99
N PRO A 55 -0.45 -1.00 -7.26
CA PRO A 55 -1.15 0.22 -7.66
C PRO A 55 -2.50 0.32 -6.93
N LEU A 56 -2.84 1.55 -6.52
CA LEU A 56 -4.13 1.82 -5.89
C LEU A 56 -5.03 2.50 -6.91
N ARG A 57 -6.31 2.11 -6.95
CA ARG A 57 -7.21 2.66 -7.96
C ARG A 57 -7.85 3.96 -7.48
N SER A 58 -7.87 4.16 -6.16
CA SER A 58 -8.62 5.26 -5.58
C SER A 58 -8.12 5.57 -4.17
N GLY A 59 -8.53 6.74 -3.66
CA GLY A 59 -8.35 7.07 -2.25
C GLY A 59 -9.12 6.09 -1.36
N LYS A 60 -10.29 5.64 -1.83
CA LYS A 60 -11.12 4.67 -1.14
C LYS A 60 -10.33 3.36 -0.93
N GLU A 61 -9.65 2.88 -1.97
CA GLU A 61 -8.88 1.64 -1.85
C GLU A 61 -7.76 1.83 -0.81
N ALA A 62 -7.23 3.05 -0.71
CA ALA A 62 -6.09 3.32 0.14
C ALA A 62 -6.44 3.24 1.63
N LYS A 63 -7.74 3.09 1.95
CA LYS A 63 -8.18 2.94 3.34
C LYS A 63 -7.52 1.73 4.00
N ILE A 64 -7.03 0.77 3.19
CA ILE A 64 -6.44 -0.45 3.73
C ILE A 64 -5.03 -0.15 4.27
N LEU A 65 -4.47 1.04 4.00
CA LEU A 65 -3.10 1.35 4.40
C LEU A 65 -3.09 1.96 5.79
N GLN A 66 -2.07 1.60 6.58
CA GLN A 66 -1.87 2.23 7.89
C GLN A 66 -1.75 3.75 7.73
N HIS A 67 -2.36 4.49 8.68
CA HIS A 67 -2.28 5.94 8.75
C HIS A 67 -3.04 6.63 7.61
N PHE A 68 -3.86 5.89 6.85
CA PHE A 68 -4.72 6.52 5.87
C PHE A 68 -6.13 6.67 6.45
N GLY A 69 -6.41 7.85 6.99
CA GLY A 69 -7.72 8.15 7.58
C GLY A 69 -8.75 8.48 6.51
N ASP A 70 -10.02 8.51 6.91
CA ASP A 70 -11.12 8.77 5.98
C ASP A 70 -10.92 10.12 5.29
N GLY A 71 -10.50 11.13 6.07
CA GLY A 71 -10.28 12.47 5.54
C GLY A 71 -9.25 12.49 4.42
N LEU A 72 -8.11 11.83 4.66
CA LEU A 72 -7.03 11.79 3.68
C LEU A 72 -7.45 11.02 2.44
N CYS A 73 -8.16 9.91 2.61
CA CYS A 73 -8.61 9.12 1.47
C CYS A 73 -9.57 9.94 0.61
N ARG A 74 -10.42 10.75 1.24
CA ARG A 74 -11.33 11.63 0.52
C ARG A 74 -10.53 12.66 -0.28
N MET A 75 -9.49 13.24 0.32
CA MET A 75 -8.63 14.21 -0.34
C MET A 75 -8.02 13.60 -1.61
N LEU A 76 -7.60 12.34 -1.53
CA LEU A 76 -6.98 11.67 -2.66
C LEU A 76 -8.01 11.42 -3.77
N ASP A 77 -9.23 11.02 -3.39
CA ASP A 77 -10.31 10.85 -4.34
C ASP A 77 -10.60 12.16 -5.08
N GLU A 78 -10.62 13.27 -4.33
CA GLU A 78 -10.97 14.58 -4.88
C GLU A 78 -9.87 15.03 -5.85
N ARG A 79 -8.62 14.79 -5.47
CA ARG A 79 -7.46 15.19 -6.27
C ARG A 79 -7.42 14.35 -7.55
N LEU A 80 -7.81 13.06 -7.46
CA LEU A 80 -7.87 12.18 -8.61
C LEU A 80 -8.88 12.69 -9.63
N GLN A 81 -10.04 13.12 -9.13
CA GLN A 81 -11.09 13.66 -10.00
C GLN A 81 -10.55 14.85 -10.78
N ARG A 82 -9.83 15.74 -10.07
CA ARG A 82 -9.30 16.97 -10.66
C ARG A 82 -8.27 16.64 -11.74
N HIS A 83 -7.47 15.59 -11.49
CA HIS A 83 -6.39 15.19 -12.37
C HIS A 83 -6.93 14.78 -13.75
N ARG A 84 -7.96 13.92 -13.75
CA ARG A 84 -8.47 13.37 -14.99
C ARG A 84 -9.51 14.31 -15.61
N THR A 85 -10.10 15.20 -14.81
CA THR A 85 -10.96 16.27 -15.32
C THR A 85 -10.10 17.21 -16.18
N SER A 86 -8.97 17.63 -15.61
CA SER A 86 -8.03 18.51 -16.28
C SER A 86 -6.98 17.68 -17.02
N VAL B 9 18.89 -14.62 -8.59
CA VAL B 9 17.62 -14.49 -7.81
C VAL B 9 17.12 -15.88 -7.42
N PRO B 10 16.97 -16.16 -6.10
CA PRO B 10 16.62 -17.51 -5.65
C PRO B 10 15.12 -17.78 -5.84
N ILE B 11 14.74 -19.06 -5.71
CA ILE B 11 13.35 -19.49 -5.72
C ILE B 11 12.75 -19.19 -4.34
N THR B 12 11.63 -18.48 -4.35
CA THR B 12 10.84 -18.24 -3.15
C THR B 12 9.55 -19.04 -3.27
N PRO B 13 9.31 -20.04 -2.39
CA PRO B 13 7.99 -20.67 -2.33
C PRO B 13 7.01 -19.70 -1.69
N MET B 14 5.80 -19.59 -2.27
CA MET B 14 4.81 -18.72 -1.68
C MET B 14 4.30 -19.37 -0.40
N PRO B 15 4.27 -18.62 0.74
CA PRO B 15 3.68 -19.16 1.97
C PRO B 15 2.22 -19.53 1.72
N GLN B 16 1.75 -20.57 2.42
CA GLN B 16 0.36 -20.99 2.35
C GLN B 16 -0.46 -20.07 3.27
N TYR B 17 -0.78 -18.88 2.76
CA TYR B 17 -1.39 -17.83 3.57
C TYR B 17 -2.74 -18.30 4.11
N SER B 18 -3.43 -19.17 3.37
CA SER B 18 -4.76 -19.62 3.74
C SER B 18 -4.77 -20.43 5.03
N ILE B 19 -3.62 -20.98 5.46
CA ILE B 19 -3.58 -21.76 6.69
C ILE B 19 -2.85 -21.01 7.80
N MET B 20 -2.48 -19.74 7.55
CA MET B 20 -1.79 -18.92 8.52
C MET B 20 -2.77 -18.44 9.59
N GLU B 21 -2.29 -18.29 10.82
CA GLU B 21 -3.08 -17.73 11.90
C GLU B 21 -3.26 -16.23 11.65
N THR B 22 -4.40 -15.69 12.12
CA THR B 22 -4.79 -14.30 11.94
C THR B 22 -3.71 -13.33 12.43
N PRO B 23 -3.12 -13.49 13.64
CA PRO B 23 -2.05 -12.60 14.09
C PRO B 23 -0.85 -12.53 13.14
N VAL B 24 -0.52 -13.68 12.52
CA VAL B 24 0.61 -13.77 11.61
C VAL B 24 0.29 -13.06 10.30
N LEU B 25 -0.95 -13.22 9.80
CA LEU B 25 -1.36 -12.52 8.59
C LEU B 25 -1.22 -11.01 8.79
N LYS B 26 -1.60 -10.53 9.98
CA LYS B 26 -1.52 -9.10 10.28
C LYS B 26 -0.07 -8.63 10.21
N LYS B 27 0.84 -9.43 10.78
CA LYS B 27 2.26 -9.07 10.82
C LYS B 27 2.87 -9.09 9.42
N GLU B 28 2.46 -10.04 8.59
CA GLU B 28 2.92 -10.10 7.21
C GLU B 28 2.47 -8.85 6.44
N LEU B 29 1.22 -8.43 6.66
CA LEU B 29 0.70 -7.27 5.95
C LEU B 29 1.37 -5.98 6.42
N ASP B 30 1.77 -5.93 7.68
CA ASP B 30 2.45 -4.76 8.22
C ASP B 30 3.73 -4.43 7.42
N ARG B 31 4.39 -5.47 6.89
CA ARG B 31 5.60 -5.30 6.08
C ARG B 31 5.32 -4.38 4.89
N PHE B 32 4.09 -4.45 4.37
CA PHE B 32 3.69 -3.78 3.15
C PHE B 32 2.85 -2.53 3.44
N GLY B 33 2.78 -2.12 4.71
CA GLY B 33 2.11 -0.89 5.08
C GLY B 33 0.60 -1.04 5.23
N VAL B 34 0.12 -2.30 5.26
CA VAL B 34 -1.30 -2.60 5.24
C VAL B 34 -1.82 -2.85 6.67
N ARG B 35 -3.00 -2.29 6.99
CA ARG B 35 -3.59 -2.46 8.30
C ARG B 35 -4.28 -3.82 8.41
N PRO B 36 -4.59 -4.32 9.63
CA PRO B 36 -5.38 -5.55 9.76
C PRO B 36 -6.71 -5.45 9.02
N LEU B 37 -7.08 -6.53 8.32
CA LEU B 37 -8.32 -6.63 7.58
C LEU B 37 -9.04 -7.91 8.02
N PRO B 38 -10.31 -8.14 7.61
CA PRO B 38 -10.93 -9.46 7.77
C PRO B 38 -10.02 -10.53 7.18
N LYS B 39 -10.05 -11.73 7.79
CA LYS B 39 -9.05 -12.76 7.52
C LYS B 39 -8.99 -13.12 6.03
N ARG B 40 -10.16 -13.33 5.40
CA ARG B 40 -10.21 -13.72 4.00
C ARG B 40 -9.55 -12.64 3.14
N GLN B 41 -9.78 -11.37 3.50
CA GLN B 41 -9.27 -10.22 2.78
C GLN B 41 -7.75 -10.17 2.91
N MET B 42 -7.22 -10.52 4.08
CA MET B 42 -5.78 -10.52 4.32
C MET B 42 -5.11 -11.60 3.46
N VAL B 43 -5.71 -12.79 3.42
CA VAL B 43 -5.17 -13.90 2.64
C VAL B 43 -5.10 -13.50 1.16
N LEU B 44 -6.19 -12.92 0.66
CA LEU B 44 -6.26 -12.54 -0.75
C LEU B 44 -5.23 -11.46 -1.06
N LYS B 45 -5.06 -10.50 -0.13
CA LYS B 45 -4.14 -9.40 -0.33
C LYS B 45 -2.70 -9.91 -0.38
N LEU B 46 -2.33 -10.81 0.54
CA LEU B 46 -0.98 -11.33 0.56
C LEU B 46 -0.68 -12.15 -0.70
N LYS B 47 -1.65 -12.95 -1.16
CA LYS B 47 -1.47 -13.64 -2.44
C LYS B 47 -1.29 -12.65 -3.60
N GLU B 48 -2.08 -11.57 -3.60
CA GLU B 48 -2.03 -10.56 -4.66
C GLU B 48 -0.64 -9.91 -4.69
N ILE B 49 -0.16 -9.56 -3.49
CA ILE B 49 1.17 -8.96 -3.37
C ILE B 49 2.23 -9.94 -3.87
N PHE B 50 2.15 -11.21 -3.48
CA PHE B 50 3.16 -12.17 -3.89
C PHE B 50 3.21 -12.27 -5.42
N GLN B 51 2.03 -12.36 -6.05
CA GLN B 51 1.98 -12.60 -7.48
C GLN B 51 2.44 -11.38 -8.27
N TYR B 52 2.24 -10.18 -7.71
CA TYR B 52 2.67 -8.95 -8.36
C TYR B 52 4.18 -8.79 -8.27
N THR B 53 4.77 -9.30 -7.18
CA THR B 53 6.18 -9.08 -6.90
C THR B 53 7.06 -10.26 -7.30
N HIS B 54 6.46 -11.42 -7.64
CA HIS B 54 7.22 -12.59 -8.04
C HIS B 54 6.61 -13.19 -9.30
N GLN B 55 7.47 -13.68 -10.18
CA GLN B 55 7.05 -14.42 -11.35
C GLN B 55 6.96 -15.90 -11.00
N THR B 56 5.77 -16.49 -11.21
CA THR B 56 5.56 -17.92 -10.93
C THR B 56 6.28 -18.76 -11.98
N LEU B 57 6.98 -19.81 -11.51
CA LEU B 57 7.63 -20.73 -12.41
C LEU B 57 6.66 -21.83 -12.83
N GLY C . -0.04 7.04 -9.74
CA GLY C . -1.38 6.54 -9.41
C GLY C . -1.61 6.53 -7.90
O GLY C . -0.80 7.07 -7.15
OXT GLY C . -2.61 5.98 -7.44
N GLY D . -6.13 17.55 6.48
CA GLY D . -5.39 16.25 6.64
C GLY D . -6.31 15.14 7.11
O GLY D . -6.24 14.70 8.25
OXT GLY D . -7.15 14.64 6.35
#